data_2GDL
#
_entry.id   2GDL
#
_cell.length_a   1.000
_cell.length_b   1.000
_cell.length_c   1.000
_cell.angle_alpha   90.00
_cell.angle_beta   90.00
_cell.angle_gamma   90.00
#
_symmetry.space_group_name_H-M   'P 1'
#
_entity_poly.entity_id   1
_entity_poly.type   'polypeptide(L)'
_entity_poly.pdbx_seq_one_letter_code
;LVQRGRFGRFLRKIRRFRPKVTITIQGSARF
;
_entity_poly.pdbx_strand_id   A
#
# COMPACT_ATOMS: atom_id res chain seq x y z
N LEU A 1 3.24 13.27 -14.28
CA LEU A 1 3.47 12.69 -12.95
C LEU A 1 2.80 13.57 -11.91
N VAL A 2 2.40 13.00 -10.74
CA VAL A 2 1.74 13.80 -9.71
C VAL A 2 1.93 13.16 -8.36
N GLN A 3 3.18 12.81 -7.98
CA GLN A 3 3.41 12.16 -6.68
C GLN A 3 4.88 12.10 -6.34
N ARG A 4 5.21 12.02 -5.02
CA ARG A 4 6.59 11.79 -4.57
C ARG A 4 6.59 10.44 -3.89
N GLY A 5 7.78 9.87 -3.57
CA GLY A 5 7.80 8.60 -2.84
C GLY A 5 7.13 8.75 -1.50
N ARG A 6 7.29 9.90 -0.82
CA ARG A 6 6.64 10.09 0.48
C ARG A 6 5.13 9.99 0.33
N PHE A 7 4.53 10.35 -0.81
CA PHE A 7 3.08 10.15 -1.01
C PHE A 7 2.74 9.02 -1.96
N GLY A 8 3.73 8.32 -2.57
CA GLY A 8 3.42 7.15 -3.39
C GLY A 8 3.52 5.85 -2.63
N ARG A 9 4.20 5.79 -1.46
CA ARG A 9 4.42 4.50 -0.81
C ARG A 9 4.72 4.69 0.66
N PHE A 10 3.75 5.28 1.40
CA PHE A 10 3.95 5.58 2.82
C PHE A 10 2.70 5.18 3.55
N LEU A 11 2.33 3.89 3.47
CA LEU A 11 1.05 3.43 4.03
C LEU A 11 -0.05 4.03 3.19
N ARG A 12 0.06 3.91 1.84
CA ARG A 12 -0.91 4.53 0.92
C ARG A 12 -1.19 3.61 -0.24
N LYS A 13 -0.18 3.22 -1.06
CA LYS A 13 -0.42 2.34 -2.20
C LYS A 13 0.35 1.06 -1.99
N ILE A 14 0.37 0.53 -0.74
CA ILE A 14 1.14 -0.69 -0.45
C ILE A 14 0.87 -1.16 0.97
N ARG A 15 1.02 -0.30 2.01
CA ARG A 15 0.76 -0.74 3.38
C ARG A 15 1.63 -1.94 3.71
N ARG A 16 1.17 -3.18 3.46
CA ARG A 16 2.01 -4.36 3.72
C ARG A 16 2.56 -4.27 5.12
N PHE A 17 1.65 -4.14 6.12
CA PHE A 17 2.07 -4.09 7.52
C PHE A 17 2.53 -5.49 7.88
N ARG A 18 3.21 -5.72 9.02
CA ARG A 18 3.68 -7.07 9.32
C ARG A 18 2.61 -8.13 9.11
N PRO A 19 1.41 -8.13 9.75
CA PRO A 19 0.41 -9.14 9.45
C PRO A 19 -0.21 -9.04 8.07
N LYS A 20 0.06 -7.99 7.25
CA LYS A 20 -0.45 -7.93 5.88
C LYS A 20 -1.94 -7.65 5.90
N VAL A 21 -2.38 -6.37 5.74
CA VAL A 21 -3.80 -6.03 5.85
C VAL A 21 -4.34 -5.54 4.53
N THR A 22 -4.04 -4.31 4.07
CA THR A 22 -4.59 -3.82 2.81
C THR A 22 -3.86 -4.46 1.66
N ILE A 23 -2.54 -4.75 1.77
CA ILE A 23 -1.87 -5.47 0.69
C ILE A 23 -2.68 -6.70 0.33
N THR A 24 -3.34 -7.36 1.30
CA THR A 24 -4.13 -8.55 0.97
C THR A 24 -5.32 -8.15 0.13
N ILE A 25 -5.99 -7.00 0.45
CA ILE A 25 -7.11 -6.55 -0.38
C ILE A 25 -6.58 -6.35 -1.78
N GLN A 26 -5.44 -5.64 -1.94
CA GLN A 26 -4.88 -5.47 -3.29
C GLN A 26 -4.59 -6.83 -3.88
N GLY A 27 -3.99 -7.76 -3.09
CA GLY A 27 -3.66 -9.07 -3.61
C GLY A 27 -4.90 -9.82 -4.04
N SER A 28 -6.05 -9.63 -3.39
CA SER A 28 -7.26 -10.31 -3.83
C SER A 28 -7.64 -9.81 -5.20
N ALA A 29 -7.66 -8.47 -5.42
CA ALA A 29 -8.03 -7.95 -6.72
C ALA A 29 -7.01 -8.38 -7.75
N ARG A 30 -5.70 -8.18 -7.49
CA ARG A 30 -4.68 -8.51 -8.48
C ARG A 30 -4.73 -9.98 -8.77
N PHE A 31 -4.73 -10.84 -7.73
CA PHE A 31 -4.75 -12.29 -7.92
C PHE A 31 -6.10 -12.80 -7.46
N LEU A 1 1.46 16.42 -1.70
CA LEU A 1 0.62 15.30 -2.18
C LEU A 1 1.42 14.02 -2.04
N VAL A 2 2.46 13.79 -2.87
CA VAL A 2 3.30 12.60 -2.68
C VAL A 2 4.11 12.77 -1.42
N GLN A 3 4.55 14.01 -1.09
CA GLN A 3 5.37 14.25 0.10
C GLN A 3 6.76 13.71 -0.12
N ARG A 4 6.94 12.38 -0.27
CA ARG A 4 8.26 11.81 -0.55
C ARG A 4 8.07 10.52 -1.30
N GLY A 5 9.15 9.82 -1.71
CA GLY A 5 8.97 8.48 -2.26
C GLY A 5 8.57 7.56 -1.14
N ARG A 6 9.27 7.63 0.02
CA ARG A 6 8.95 6.76 1.15
C ARG A 6 7.46 6.76 1.43
N PHE A 7 6.81 7.94 1.45
CA PHE A 7 5.36 7.99 1.69
C PHE A 7 4.61 7.77 0.40
N GLY A 8 5.04 8.41 -0.71
CA GLY A 8 4.32 8.34 -1.98
C GLY A 8 3.77 6.95 -2.26
N ARG A 9 2.43 6.76 -2.28
CA ARG A 9 1.87 5.46 -2.58
C ARG A 9 2.51 4.38 -1.73
N PHE A 10 2.56 4.59 -0.40
CA PHE A 10 3.13 3.58 0.50
C PHE A 10 2.47 3.74 1.85
N LEU A 11 1.12 3.65 1.84
CA LEU A 11 0.27 3.97 2.99
C LEU A 11 -1.07 4.38 2.40
N ARG A 12 -1.06 5.15 1.28
CA ARG A 12 -2.30 5.38 0.54
C ARG A 12 -2.75 4.05 -0.04
N LYS A 13 -1.85 3.26 -0.71
CA LYS A 13 -2.28 2.02 -1.37
C LYS A 13 -1.40 0.82 -1.03
N ILE A 14 -0.10 0.78 -1.40
CA ILE A 14 0.70 -0.44 -1.15
C ILE A 14 0.58 -0.80 0.30
N ARG A 15 0.87 0.18 1.19
CA ARG A 15 0.71 -0.02 2.63
C ARG A 15 1.63 -1.11 3.12
N ARG A 16 1.27 -2.41 3.04
CA ARG A 16 2.19 -3.48 3.43
C ARG A 16 2.68 -3.25 4.84
N PHE A 17 1.79 -3.41 5.84
CA PHE A 17 2.17 -3.27 7.25
C PHE A 17 1.51 -4.36 8.05
N ARG A 18 1.95 -4.66 9.30
CA ARG A 18 1.36 -5.78 10.02
C ARG A 18 -0.03 -5.43 10.53
N PRO A 19 -0.30 -4.33 11.30
CA PRO A 19 -1.67 -4.12 11.75
C PRO A 19 -2.65 -3.90 10.63
N LYS A 20 -2.22 -3.21 9.54
CA LYS A 20 -3.15 -2.83 8.49
C LYS A 20 -3.24 -3.94 7.47
N VAL A 21 -2.09 -4.46 6.98
CA VAL A 21 -2.08 -5.57 6.02
C VAL A 21 -3.15 -5.39 4.97
N THR A 22 -3.25 -4.16 4.38
CA THR A 22 -4.17 -3.95 3.27
C THR A 22 -3.62 -4.63 2.03
N ILE A 23 -2.27 -4.74 1.88
CA ILE A 23 -1.71 -5.39 0.70
C ILE A 23 -2.42 -6.67 0.34
N THR A 24 -2.91 -7.47 1.32
CA THR A 24 -3.64 -8.69 0.96
C THR A 24 -4.93 -8.34 0.25
N ILE A 25 -5.68 -7.33 0.74
CA ILE A 25 -6.89 -6.91 0.05
C ILE A 25 -6.53 -6.56 -1.38
N GLN A 26 -5.43 -5.81 -1.60
CA GLN A 26 -5.04 -5.51 -2.98
C GLN A 26 -4.78 -6.81 -3.71
N GLY A 27 -4.09 -7.77 -3.05
CA GLY A 27 -3.84 -9.06 -3.68
C GLY A 27 -5.11 -9.70 -4.19
N SER A 28 -6.25 -9.57 -3.48
CA SER A 28 -7.50 -10.14 -3.97
C SER A 28 -7.70 -9.77 -5.42
N ALA A 29 -7.43 -8.50 -5.78
CA ALA A 29 -7.55 -8.07 -7.18
C ALA A 29 -6.63 -6.91 -7.47
N ARG A 30 -6.81 -5.73 -6.80
CA ARG A 30 -5.95 -4.58 -7.06
C ARG A 30 -6.16 -3.47 -6.05
N PHE A 31 -7.41 -3.07 -5.72
CA PHE A 31 -7.61 -2.04 -4.70
C PHE A 31 -9.04 -2.07 -4.20
N LEU A 1 6.72 15.49 -5.00
CA LEU A 1 7.64 14.43 -5.43
C LEU A 1 8.54 14.07 -4.27
N VAL A 2 8.02 13.30 -3.29
CA VAL A 2 8.85 12.90 -2.15
C VAL A 2 9.87 11.88 -2.60
N GLN A 3 9.51 10.90 -3.47
CA GLN A 3 10.51 9.95 -3.96
C GLN A 3 10.02 9.25 -5.22
N ARG A 4 8.93 8.44 -5.16
CA ARG A 4 8.52 7.69 -6.34
C ARG A 4 7.06 7.33 -6.24
N GLY A 5 6.35 7.06 -7.35
CA GLY A 5 4.92 6.77 -7.27
C GLY A 5 4.61 5.71 -6.24
N ARG A 6 5.37 4.60 -6.20
CA ARG A 6 5.07 3.53 -5.24
C ARG A 6 5.31 4.06 -3.84
N PHE A 7 6.51 4.58 -3.54
CA PHE A 7 6.79 5.04 -2.18
C PHE A 7 6.02 6.29 -1.81
N GLY A 8 5.34 6.99 -2.75
CA GLY A 8 4.48 8.11 -2.36
C GLY A 8 3.21 7.62 -1.70
N ARG A 9 2.77 6.36 -1.94
CA ARG A 9 1.51 5.89 -1.35
C ARG A 9 1.72 5.73 0.14
N PHE A 10 2.67 4.85 0.53
CA PHE A 10 3.06 4.69 1.94
C PHE A 10 1.98 4.74 3.00
N LEU A 11 0.72 4.34 2.70
CA LEU A 11 -0.38 4.32 3.70
C LEU A 11 -1.71 4.43 3.00
N ARG A 12 -1.83 5.27 1.94
CA ARG A 12 -3.11 5.39 1.25
C ARG A 12 -3.47 4.08 0.60
N LYS A 13 -2.49 3.27 0.13
CA LYS A 13 -2.80 2.02 -0.56
C LYS A 13 -1.86 0.90 -0.17
N ILE A 14 -0.52 1.04 -0.41
CA ILE A 14 0.40 -0.07 -0.13
C ILE A 14 0.29 -0.45 1.33
N ARG A 15 0.29 0.54 2.27
CA ARG A 15 0.10 0.27 3.68
C ARG A 15 0.94 -0.87 4.23
N ARG A 16 0.59 -2.17 4.00
CA ARG A 16 1.45 -3.26 4.45
C ARG A 16 1.86 -3.10 5.90
N PHE A 17 0.88 -3.13 6.84
CA PHE A 17 1.19 -3.07 8.27
C PHE A 17 0.56 -4.23 9.01
N ARG A 18 1.05 -4.52 10.23
CA ARG A 18 0.58 -5.70 10.97
C ARG A 18 -0.91 -5.66 11.25
N PRO A 19 -1.55 -4.67 11.92
CA PRO A 19 -2.99 -4.76 12.13
C PRO A 19 -3.81 -4.66 10.86
N LYS A 20 -3.40 -3.90 9.81
CA LYS A 20 -4.27 -3.73 8.64
C LYS A 20 -4.21 -4.97 7.77
N VAL A 21 -3.02 -5.34 7.25
CA VAL A 21 -2.94 -6.44 6.30
C VAL A 21 -3.86 -6.19 5.13
N THR A 22 -4.04 -4.90 4.73
CA THR A 22 -4.86 -4.60 3.55
C THR A 22 -4.10 -4.99 2.31
N ILE A 23 -2.74 -4.90 2.33
CA ILE A 23 -1.97 -5.30 1.16
C ILE A 23 -2.45 -6.59 0.57
N THR A 24 -2.92 -7.57 1.38
CA THR A 24 -3.35 -8.84 0.80
C THR A 24 -4.60 -8.63 -0.05
N ILE A 25 -5.64 -7.91 0.44
CA ILE A 25 -6.84 -7.75 -0.38
C ILE A 25 -6.55 -6.80 -1.53
N GLN A 26 -5.83 -5.68 -1.29
CA GLN A 26 -5.56 -4.76 -2.38
C GLN A 26 -4.76 -5.46 -3.45
N GLY A 27 -3.69 -6.19 -3.05
CA GLY A 27 -2.88 -6.86 -4.05
C GLY A 27 -3.73 -7.85 -4.80
N SER A 28 -4.31 -8.85 -4.11
CA SER A 28 -5.09 -9.86 -4.82
C SER A 28 -6.17 -9.22 -5.67
N ALA A 29 -6.78 -8.11 -5.21
CA ALA A 29 -7.86 -7.51 -5.99
C ALA A 29 -7.32 -6.99 -7.31
N ARG A 30 -6.26 -6.14 -7.29
CA ARG A 30 -5.74 -5.53 -8.51
C ARG A 30 -4.36 -6.08 -8.79
N PHE A 31 -3.37 -5.86 -7.88
CA PHE A 31 -2.00 -6.34 -8.10
C PHE A 31 -1.32 -5.45 -9.11
N LEU A 1 4.19 20.78 2.60
CA LEU A 1 5.43 20.01 2.45
C LEU A 1 5.12 18.56 2.76
N VAL A 2 4.82 17.71 1.74
CA VAL A 2 4.47 16.32 2.03
C VAL A 2 4.59 15.42 0.81
N GLN A 3 4.04 15.76 -0.38
CA GLN A 3 4.08 14.82 -1.49
C GLN A 3 5.54 14.50 -1.80
N ARG A 4 5.93 13.21 -1.81
CA ARG A 4 7.33 12.84 -1.96
C ARG A 4 7.39 11.34 -2.19
N GLY A 5 8.44 10.76 -2.82
CA GLY A 5 8.47 9.31 -2.99
C GLY A 5 8.06 8.53 -1.77
N ARG A 6 8.36 9.01 -0.54
CA ARG A 6 7.98 8.27 0.67
C ARG A 6 6.49 8.36 0.87
N PHE A 7 5.91 9.60 0.90
CA PHE A 7 4.48 9.72 1.18
C PHE A 7 3.70 9.09 0.06
N GLY A 8 4.11 9.24 -1.22
CA GLY A 8 3.41 8.54 -2.31
C GLY A 8 3.93 7.12 -2.40
N ARG A 9 3.78 6.31 -1.33
CA ARG A 9 4.29 4.94 -1.34
C ARG A 9 3.99 4.29 0.00
N PHE A 10 4.49 4.87 1.12
CA PHE A 10 4.33 4.26 2.43
C PHE A 10 3.00 4.64 3.01
N LEU A 11 1.90 4.21 2.35
CA LEU A 11 0.52 4.57 2.72
C LEU A 11 -0.36 4.40 1.50
N ARG A 12 0.11 4.81 0.28
CA ARG A 12 -0.67 4.54 -0.93
C ARG A 12 -0.42 3.13 -1.40
N LYS A 13 0.87 2.75 -1.62
CA LYS A 13 1.17 1.51 -2.34
C LYS A 13 1.39 0.35 -1.41
N ILE A 14 2.36 0.42 -0.46
CA ILE A 14 2.69 -0.75 0.36
C ILE A 14 1.76 -0.85 1.55
N ARG A 15 1.14 0.27 2.02
CA ARG A 15 0.32 0.23 3.22
C ARG A 15 -1.03 0.80 2.86
N ARG A 16 -1.81 0.07 2.02
CA ARG A 16 -3.14 0.53 1.65
C ARG A 16 -3.91 1.07 2.85
N PHE A 17 -4.00 0.30 3.97
CA PHE A 17 -4.86 0.69 5.07
C PHE A 17 -4.09 0.74 6.37
N ARG A 18 -4.61 1.49 7.39
CA ARG A 18 -3.86 1.78 8.61
C ARG A 18 -2.92 0.67 9.05
N PRO A 19 -3.31 -0.52 9.58
CA PRO A 19 -2.32 -1.49 10.02
C PRO A 19 -1.85 -2.40 8.90
N LYS A 20 -1.42 -1.85 7.74
CA LYS A 20 -0.82 -2.66 6.68
C LYS A 20 -1.43 -4.05 6.57
N VAL A 21 -2.73 -4.12 6.18
CA VAL A 21 -3.41 -5.41 6.04
C VAL A 21 -4.23 -5.51 4.75
N THR A 22 -5.03 -4.50 4.36
CA THR A 22 -5.73 -4.55 3.07
C THR A 22 -4.70 -4.84 1.99
N ILE A 23 -3.45 -4.34 2.13
CA ILE A 23 -2.42 -4.64 1.14
C ILE A 23 -2.42 -6.10 0.73
N THR A 24 -2.73 -7.06 1.63
CA THR A 24 -2.69 -8.46 1.23
C THR A 24 -3.84 -8.78 0.30
N ILE A 25 -5.08 -8.28 0.55
CA ILE A 25 -6.21 -8.66 -0.28
C ILE A 25 -6.22 -7.90 -1.59
N GLN A 26 -5.82 -6.61 -1.63
CA GLN A 26 -5.95 -5.83 -2.86
C GLN A 26 -5.34 -6.56 -4.04
N GLY A 27 -4.25 -7.34 -3.83
CA GLY A 27 -3.64 -8.05 -4.95
C GLY A 27 -4.68 -8.88 -5.67
N SER A 28 -5.35 -9.81 -4.95
CA SER A 28 -6.37 -10.62 -5.61
C SER A 28 -7.63 -9.79 -5.76
N ALA A 29 -8.20 -9.27 -4.66
CA ALA A 29 -9.42 -8.45 -4.72
C ALA A 29 -10.62 -9.23 -5.19
N ARG A 30 -10.69 -9.64 -6.48
CA ARG A 30 -11.89 -10.29 -7.00
C ARG A 30 -13.06 -9.36 -6.73
N PHE A 31 -12.96 -8.10 -7.19
CA PHE A 31 -13.99 -7.11 -6.90
C PHE A 31 -14.16 -7.00 -5.41
N LEU A 1 2.10 12.99 -2.90
CA LEU A 1 3.26 13.78 -3.34
C LEU A 1 4.29 13.79 -2.22
N VAL A 2 5.04 12.68 -2.04
CA VAL A 2 6.05 12.61 -0.98
C VAL A 2 7.44 12.67 -1.60
N GLN A 3 7.79 11.72 -2.49
CA GLN A 3 9.17 11.63 -2.99
C GLN A 3 9.24 10.68 -4.17
N ARG A 4 8.81 9.40 -4.00
CA ARG A 4 8.85 8.42 -5.07
C ARG A 4 7.50 7.72 -5.10
N GLY A 5 7.17 6.98 -6.19
CA GLY A 5 5.91 6.25 -6.21
C GLY A 5 5.87 5.30 -5.03
N ARG A 6 7.00 4.64 -4.72
CA ARG A 6 7.05 3.77 -3.54
C ARG A 6 6.61 4.54 -2.31
N PHE A 7 7.22 5.72 -2.05
CA PHE A 7 6.95 6.43 -0.80
C PHE A 7 5.76 7.36 -0.87
N GLY A 8 5.07 7.51 -2.03
CA GLY A 8 3.86 8.32 -2.06
C GLY A 8 2.78 7.52 -1.36
N ARG A 9 2.20 6.53 -2.06
CA ARG A 9 1.17 5.67 -1.47
C ARG A 9 1.47 5.30 -0.03
N PHE A 10 2.52 4.48 0.25
CA PHE A 10 2.99 4.27 1.63
C PHE A 10 1.95 4.18 2.72
N LEU A 11 0.75 3.61 2.45
CA LEU A 11 -0.31 3.43 3.45
C LEU A 11 -1.65 3.49 2.75
N ARG A 12 -1.84 4.41 1.79
CA ARG A 12 -3.11 4.46 1.07
C ARG A 12 -3.27 3.23 0.20
N LYS A 13 -2.18 2.68 -0.39
CA LYS A 13 -2.32 1.55 -1.32
C LYS A 13 -1.29 0.48 -1.11
N ILE A 14 -0.69 0.31 0.10
CA ILE A 14 0.27 -0.78 0.30
C ILE A 14 0.39 -1.13 1.78
N ARG A 15 0.69 -0.18 2.69
CA ARG A 15 0.62 -0.44 4.13
C ARG A 15 1.55 -1.53 4.60
N ARG A 16 1.26 -2.83 4.33
CA ARG A 16 2.19 -3.89 4.73
C ARG A 16 2.50 -3.76 6.21
N PHE A 17 1.45 -3.73 7.06
CA PHE A 17 1.65 -3.69 8.51
C PHE A 17 2.17 -5.04 8.94
N ARG A 18 2.61 -5.19 10.22
CA ARG A 18 3.07 -6.50 10.69
C ARG A 18 2.01 -7.55 10.42
N PRO A 19 0.77 -7.57 10.99
CA PRO A 19 -0.18 -8.60 10.60
C PRO A 19 -0.59 -8.50 9.14
N LYS A 20 -0.36 -7.36 8.44
CA LYS A 20 -0.68 -7.22 7.02
C LYS A 20 -2.12 -6.78 6.94
N VAL A 21 -2.46 -5.68 6.19
CA VAL A 21 -3.82 -5.14 6.21
C VAL A 21 -4.27 -4.82 4.80
N THR A 22 -3.66 -3.84 4.09
CA THR A 22 -4.11 -3.54 2.72
C THR A 22 -3.35 -4.42 1.76
N ILE A 23 -2.01 -4.58 1.91
CA ILE A 23 -1.24 -5.43 0.98
C ILE A 23 -2.01 -6.67 0.58
N THR A 24 -2.75 -7.33 1.50
CA THR A 24 -3.48 -8.53 1.10
C THR A 24 -4.61 -8.19 0.16
N ILE A 25 -5.41 -7.12 0.42
CA ILE A 25 -6.50 -6.78 -0.50
C ILE A 25 -5.90 -6.28 -1.79
N GLN A 26 -4.70 -5.64 -1.77
CA GLN A 26 -4.07 -5.24 -3.03
C GLN A 26 -3.86 -6.51 -3.84
N GLY A 27 -3.32 -7.58 -3.22
CA GLY A 27 -3.13 -8.82 -3.95
C GLY A 27 -4.46 -9.34 -4.45
N SER A 28 -5.48 -9.42 -3.58
CA SER A 28 -6.78 -9.91 -4.02
C SER A 28 -7.29 -9.11 -5.20
N ALA A 29 -7.01 -7.78 -5.24
CA ALA A 29 -7.49 -6.91 -6.31
C ALA A 29 -8.98 -6.67 -6.13
N ARG A 30 -9.85 -7.68 -6.34
CA ARG A 30 -11.28 -7.48 -6.16
C ARG A 30 -11.95 -8.73 -5.61
N PHE A 31 -12.01 -9.84 -6.39
CA PHE A 31 -12.74 -11.03 -5.92
C PHE A 31 -11.78 -11.95 -5.21
N LEU A 1 16.14 2.77 -7.49
CA LEU A 1 15.60 1.40 -7.58
C LEU A 1 14.17 1.36 -7.09
N VAL A 2 13.90 1.72 -5.81
CA VAL A 2 12.52 1.75 -5.30
C VAL A 2 12.30 3.03 -4.51
N GLN A 3 12.87 4.16 -4.98
CA GLN A 3 12.64 5.44 -4.31
C GLN A 3 11.42 6.02 -4.97
N ARG A 4 10.23 5.45 -4.67
CA ARG A 4 8.99 5.91 -5.28
C ARG A 4 8.51 7.02 -4.39
N GLY A 5 9.22 8.16 -4.32
CA GLY A 5 8.94 9.13 -3.26
C GLY A 5 9.20 8.47 -1.93
N ARG A 6 10.26 7.62 -1.84
CA ARG A 6 10.55 6.89 -0.60
C ARG A 6 9.34 6.12 -0.07
N PHE A 7 8.29 5.88 -0.88
CA PHE A 7 7.03 5.30 -0.40
C PHE A 7 5.95 5.69 -1.38
N GLY A 8 5.86 6.98 -1.77
CA GLY A 8 4.84 7.41 -2.72
C GLY A 8 3.49 7.50 -2.06
N ARG A 9 2.89 6.34 -1.69
CA ARG A 9 1.53 6.33 -1.14
C ARG A 9 1.52 6.11 0.37
N PHE A 10 2.27 5.12 0.90
CA PHE A 10 2.34 4.87 2.35
C PHE A 10 1.05 4.43 3.02
N LEU A 11 -0.04 4.09 2.29
CA LEU A 11 -1.29 3.62 2.92
C LEU A 11 -2.45 3.79 1.95
N ARG A 12 -2.49 4.90 1.19
CA ARG A 12 -3.56 5.06 0.20
C ARG A 12 -3.58 3.85 -0.72
N LYS A 13 -2.43 3.26 -1.10
CA LYS A 13 -2.43 2.14 -2.04
C LYS A 13 -1.31 1.14 -1.77
N ILE A 14 -0.88 0.91 -0.51
CA ILE A 14 0.18 -0.09 -0.27
C ILE A 14 0.21 -0.52 1.18
N ARG A 15 0.41 0.40 2.16
CA ARG A 15 0.41 0.02 3.58
C ARG A 15 1.49 -0.99 3.87
N ARG A 16 1.30 -2.30 3.60
CA ARG A 16 2.31 -3.31 3.91
C ARG A 16 2.73 -3.13 5.36
N PHE A 17 1.79 -3.38 6.30
CA PHE A 17 2.08 -3.14 7.72
C PHE A 17 2.96 -4.27 8.20
N ARG A 18 3.31 -4.35 9.50
CA ARG A 18 4.11 -5.48 9.97
C ARG A 18 3.44 -6.80 9.59
N PRO A 19 2.21 -7.17 10.05
CA PRO A 19 1.63 -8.43 9.58
C PRO A 19 1.25 -8.40 8.12
N LYS A 20 1.17 -7.21 7.46
CA LYS A 20 0.77 -7.14 6.05
C LYS A 20 -0.73 -7.34 5.98
N VAL A 21 -1.53 -6.33 5.57
CA VAL A 21 -2.99 -6.43 5.68
C VAL A 21 -3.65 -5.80 4.48
N THR A 22 -3.70 -4.46 4.31
CA THR A 22 -4.35 -3.91 3.13
C THR A 22 -3.58 -4.35 1.90
N ILE A 23 -2.23 -4.43 1.92
CA ILE A 23 -1.52 -4.95 0.75
C ILE A 23 -2.10 -6.27 0.32
N THR A 24 -2.48 -7.17 1.25
CA THR A 24 -3.02 -8.46 0.84
C THR A 24 -4.35 -8.24 0.16
N ILE A 25 -5.19 -7.32 0.68
CA ILE A 25 -6.47 -7.04 0.02
C ILE A 25 -6.20 -6.46 -1.35
N GLN A 26 -5.25 -5.51 -1.48
CA GLN A 26 -5.00 -4.89 -2.78
C GLN A 26 -4.50 -5.94 -3.75
N GLY A 27 -3.50 -6.76 -3.36
CA GLY A 27 -2.99 -7.79 -4.26
C GLY A 27 -4.12 -8.71 -4.65
N SER A 28 -4.92 -9.18 -3.67
CA SER A 28 -6.07 -10.04 -3.99
C SER A 28 -6.92 -9.33 -5.01
N ALA A 29 -7.17 -8.00 -4.83
CA ALA A 29 -7.99 -7.23 -5.76
C ALA A 29 -9.46 -7.58 -5.56
N ARG A 30 -9.86 -8.84 -5.83
CA ARG A 30 -11.26 -9.23 -5.62
C ARG A 30 -11.34 -10.71 -5.29
N PHE A 31 -10.88 -11.62 -6.18
CA PHE A 31 -10.80 -13.03 -5.82
C PHE A 31 -9.51 -13.20 -5.06
N LEU A 1 2.12 12.41 -4.39
CA LEU A 1 3.58 12.54 -4.39
C LEU A 1 3.97 13.64 -3.43
N VAL A 2 4.03 13.35 -2.11
CA VAL A 2 4.47 14.36 -1.16
C VAL A 2 5.99 14.45 -1.18
N GLN A 3 6.73 13.36 -1.44
CA GLN A 3 8.19 13.44 -1.47
C GLN A 3 8.90 12.37 -2.30
N ARG A 4 8.55 11.06 -2.22
CA ARG A 4 9.35 10.04 -2.89
C ARG A 4 8.53 8.81 -3.20
N GLY A 5 8.95 7.95 -4.15
CA GLY A 5 8.14 6.78 -4.51
C GLY A 5 7.64 6.00 -3.32
N ARG A 6 8.50 5.59 -2.35
CA ARG A 6 7.99 4.78 -1.25
C ARG A 6 7.08 5.61 -0.37
N PHE A 7 7.60 6.73 0.20
CA PHE A 7 6.85 7.44 1.23
C PHE A 7 5.56 7.95 0.64
N GLY A 8 5.60 8.58 -0.56
CA GLY A 8 4.35 8.92 -1.24
C GLY A 8 3.84 7.61 -1.80
N ARG A 9 2.95 6.88 -1.08
CA ARG A 9 2.40 5.58 -1.51
C ARG A 9 2.29 4.65 -0.31
N PHE A 10 3.21 4.70 0.69
CA PHE A 10 3.14 3.77 1.84
C PHE A 10 1.91 3.92 2.73
N LEU A 11 0.68 3.84 2.18
CA LEU A 11 -0.57 4.09 2.91
C LEU A 11 -1.56 4.72 1.96
N ARG A 12 -1.11 5.63 1.06
CA ARG A 12 -2.04 6.27 0.14
C ARG A 12 -2.61 5.24 -0.81
N LYS A 13 -1.76 4.40 -1.46
CA LYS A 13 -2.25 3.46 -2.47
C LYS A 13 -1.57 2.11 -2.32
N ILE A 14 -1.41 1.59 -1.09
CA ILE A 14 -0.78 0.27 -0.94
C ILE A 14 -0.89 -0.35 0.44
N ARG A 15 -0.77 0.43 1.56
CA ARG A 15 -0.80 -0.14 2.90
C ARG A 15 0.51 -0.87 3.14
N ARG A 16 0.67 -2.11 2.64
CA ARG A 16 1.94 -2.85 2.69
C ARG A 16 1.92 -3.93 3.77
N PHE A 17 1.96 -3.57 5.07
CA PHE A 17 2.03 -4.59 6.13
C PHE A 17 2.11 -3.93 7.49
N ARG A 18 2.07 -4.68 8.63
CA ARG A 18 2.18 -4.05 9.95
C ARG A 18 0.83 -3.39 10.21
N PRO A 19 0.56 -2.18 10.77
CA PRO A 19 -0.84 -1.80 10.99
C PRO A 19 -1.45 -1.22 9.72
N LYS A 20 -1.41 -1.97 8.60
CA LYS A 20 -1.84 -1.46 7.31
C LYS A 20 -2.43 -2.60 6.48
N VAL A 21 -1.63 -3.59 6.00
CA VAL A 21 -2.15 -4.84 5.44
C VAL A 21 -2.85 -4.81 4.09
N THR A 22 -3.81 -3.90 3.81
CA THR A 22 -4.66 -4.03 2.62
C THR A 22 -3.99 -4.49 1.34
N ILE A 23 -2.67 -4.31 1.10
CA ILE A 23 -2.06 -4.84 -0.13
C ILE A 23 -2.50 -6.26 -0.37
N THR A 24 -2.58 -7.11 0.67
CA THR A 24 -2.94 -8.51 0.46
C THR A 24 -4.35 -8.60 -0.07
N ILE A 25 -5.28 -7.78 0.48
CA ILE A 25 -6.67 -7.84 0.03
C ILE A 25 -6.71 -7.46 -1.44
N GLN A 26 -6.12 -6.31 -1.82
CA GLN A 26 -6.16 -5.92 -3.24
C GLN A 26 -5.50 -6.99 -4.07
N GLY A 27 -4.31 -7.49 -3.64
CA GLY A 27 -3.62 -8.53 -4.39
C GLY A 27 -4.56 -9.69 -4.64
N SER A 28 -5.30 -10.15 -3.61
CA SER A 28 -6.25 -11.23 -3.83
C SER A 28 -7.27 -10.76 -4.84
N ALA A 29 -7.94 -9.62 -4.58
CA ALA A 29 -8.89 -9.07 -5.54
C ALA A 29 -9.40 -7.72 -5.07
N ARG A 30 -10.15 -7.65 -3.95
CA ARG A 30 -10.75 -6.38 -3.54
C ARG A 30 -11.51 -6.53 -2.23
N PHE A 31 -12.42 -7.52 -2.11
CA PHE A 31 -13.11 -7.74 -0.84
C PHE A 31 -12.13 -8.35 0.13
N LEU A 1 14.78 11.47 -6.88
CA LEU A 1 13.79 10.80 -6.02
C LEU A 1 14.30 10.79 -4.58
N VAL A 2 14.33 11.97 -3.90
CA VAL A 2 14.69 11.99 -2.49
C VAL A 2 13.55 11.34 -1.74
N GLN A 3 12.29 11.73 -2.04
CA GLN A 3 11.14 11.16 -1.35
C GLN A 3 9.97 11.10 -2.31
N ARG A 4 8.91 10.32 -1.98
CA ARG A 4 7.82 10.09 -2.94
C ARG A 4 6.52 10.43 -2.24
N GLY A 5 6.25 11.74 -2.07
CA GLY A 5 5.16 12.14 -1.18
C GLY A 5 5.51 11.85 0.25
N ARG A 6 6.81 11.62 0.58
CA ARG A 6 7.24 11.29 1.94
C ARG A 6 6.19 10.46 2.66
N PHE A 7 5.75 9.37 2.01
CA PHE A 7 4.72 8.46 2.55
C PHE A 7 3.86 7.99 1.39
N GLY A 8 3.45 8.89 0.47
CA GLY A 8 2.58 8.53 -0.65
C GLY A 8 2.67 7.08 -1.06
N ARG A 9 3.68 6.68 -1.88
CA ARG A 9 3.75 5.28 -2.29
C ARG A 9 3.74 4.34 -1.10
N PHE A 10 4.37 4.70 0.04
CA PHE A 10 4.41 3.80 1.19
C PHE A 10 3.13 3.90 2.01
N LEU A 11 1.97 3.58 1.40
CA LEU A 11 0.67 3.48 2.07
C LEU A 11 -0.45 3.79 1.09
N ARG A 12 -0.25 4.74 0.15
CA ARG A 12 -1.27 5.01 -0.86
C ARG A 12 -1.41 3.81 -1.77
N LYS A 13 -0.29 3.13 -2.14
CA LYS A 13 -0.37 1.92 -2.97
C LYS A 13 0.52 0.76 -2.55
N ILE A 14 1.79 0.94 -2.10
CA ILE A 14 2.70 -0.20 -1.94
C ILE A 14 2.54 -0.83 -0.58
N ARG A 15 2.44 -0.05 0.52
CA ARG A 15 2.35 -0.59 1.89
C ARG A 15 3.24 -1.80 2.18
N ARG A 16 2.94 -3.00 1.64
CA ARG A 16 3.71 -4.20 1.99
C ARG A 16 3.53 -4.47 3.47
N PHE A 17 2.27 -4.38 3.96
CA PHE A 17 1.96 -4.61 5.37
C PHE A 17 2.72 -3.72 6.33
N ARG A 18 2.13 -3.42 7.53
CA ARG A 18 2.75 -2.56 8.54
C ARG A 18 1.94 -1.28 8.68
N PRO A 19 1.89 -0.27 7.77
CA PRO A 19 1.03 0.87 8.01
C PRO A 19 -0.43 0.59 7.68
N LYS A 20 -0.75 -0.46 6.86
CA LYS A 20 -2.12 -0.62 6.35
C LYS A 20 -2.60 -2.06 6.40
N VAL A 21 -1.90 -3.03 5.76
CA VAL A 21 -2.35 -4.43 5.67
C VAL A 21 -3.25 -4.66 4.47
N THR A 22 -3.92 -3.63 3.92
CA THR A 22 -4.77 -3.84 2.75
C THR A 22 -4.05 -4.58 1.64
N ILE A 23 -2.70 -4.53 1.55
CA ILE A 23 -2.02 -5.17 0.43
C ILE A 23 -2.56 -6.56 0.17
N THR A 24 -2.91 -7.35 1.21
CA THR A 24 -3.38 -8.71 0.97
C THR A 24 -4.71 -8.69 0.26
N ILE A 25 -5.71 -7.90 0.73
CA ILE A 25 -7.00 -7.89 0.03
C ILE A 25 -6.80 -7.27 -1.33
N GLN A 26 -5.88 -6.29 -1.50
CA GLN A 26 -5.67 -5.70 -2.82
C GLN A 26 -5.18 -6.76 -3.77
N GLY A 27 -4.19 -7.59 -3.36
CA GLY A 27 -3.69 -8.63 -4.27
C GLY A 27 -4.83 -9.54 -4.68
N SER A 28 -5.62 -10.03 -3.70
CA SER A 28 -6.75 -10.88 -4.04
C SER A 28 -7.74 -10.13 -4.92
N ALA A 29 -7.99 -8.83 -4.63
CA ALA A 29 -8.91 -8.05 -5.44
C ALA A 29 -8.48 -8.08 -6.89
N ARG A 30 -7.15 -8.16 -7.17
CA ARG A 30 -6.69 -8.27 -8.54
C ARG A 30 -7.13 -7.02 -9.25
N PHE A 31 -6.65 -5.85 -8.77
CA PHE A 31 -7.12 -4.57 -9.31
C PHE A 31 -6.05 -3.52 -9.13
N LEU A 1 13.02 11.52 -8.03
CA LEU A 1 14.15 12.12 -7.30
C LEU A 1 13.93 11.96 -5.81
N VAL A 2 12.95 12.67 -5.19
CA VAL A 2 12.71 12.52 -3.75
C VAL A 2 11.63 11.50 -3.50
N GLN A 3 10.48 11.57 -4.21
CA GLN A 3 9.37 10.65 -3.94
C GLN A 3 8.36 10.73 -5.05
N ARG A 4 7.53 9.69 -5.30
CA ARG A 4 6.52 9.74 -6.36
C ARG A 4 5.18 9.46 -5.75
N GLY A 5 4.07 9.50 -6.53
CA GLY A 5 2.77 9.18 -5.97
C GLY A 5 2.77 7.74 -5.50
N ARG A 6 3.25 6.80 -6.34
CA ARG A 6 3.24 5.38 -5.96
C ARG A 6 3.76 5.21 -4.55
N PHE A 7 5.04 5.53 -4.27
CA PHE A 7 5.56 5.35 -2.92
C PHE A 7 5.05 6.44 -2.00
N GLY A 8 4.61 7.59 -2.55
CA GLY A 8 4.03 8.65 -1.72
C GLY A 8 3.08 8.10 -0.69
N ARG A 9 2.20 7.15 -1.08
CA ARG A 9 1.26 6.61 -0.10
C ARG A 9 2.03 5.69 0.82
N PHE A 10 2.57 4.57 0.30
CA PHE A 10 3.29 3.60 1.13
C PHE A 10 2.80 3.53 2.56
N LEU A 11 1.48 3.27 2.76
CA LEU A 11 0.91 2.98 4.08
C LEU A 11 -0.55 3.34 4.11
N ARG A 12 -0.97 4.47 3.50
CA ARG A 12 -2.39 4.81 3.49
C ARG A 12 -3.16 3.77 2.73
N LYS A 13 -2.60 3.17 1.64
CA LYS A 13 -3.37 2.21 0.86
C LYS A 13 -2.51 1.18 0.15
N ILE A 14 -1.47 0.60 0.80
CA ILE A 14 -0.72 -0.51 0.16
C ILE A 14 0.08 -1.36 1.13
N ARG A 15 0.92 -0.83 2.05
CA ARG A 15 1.75 -1.70 2.89
C ARG A 15 0.90 -2.62 3.75
N ARG A 16 1.32 -3.88 4.01
CA ARG A 16 0.62 -4.73 4.97
C ARG A 16 1.24 -4.61 6.35
N PHE A 17 0.49 -4.10 7.35
CA PHE A 17 0.89 -4.25 8.74
C PHE A 17 -0.33 -4.00 9.59
N ARG A 18 -0.34 -4.26 10.92
CA ARG A 18 -1.61 -4.23 11.65
C ARG A 18 -2.44 -2.97 11.45
N PRO A 19 -1.98 -1.71 11.62
CA PRO A 19 -2.91 -0.58 11.57
C PRO A 19 -3.14 -0.10 10.15
N LYS A 20 -3.60 -0.98 9.23
CA LYS A 20 -3.76 -0.62 7.81
C LYS A 20 -4.07 -1.86 6.99
N VAL A 21 -3.31 -2.96 7.16
CA VAL A 21 -3.61 -4.24 6.50
C VAL A 21 -4.24 -4.08 5.13
N THR A 22 -3.43 -3.71 4.10
CA THR A 22 -3.99 -3.40 2.78
C THR A 22 -3.19 -3.88 1.57
N ILE A 23 -2.02 -4.56 1.67
CA ILE A 23 -1.47 -5.21 0.47
C ILE A 23 -2.42 -6.33 0.11
N THR A 24 -3.04 -6.99 1.12
CA THR A 24 -3.97 -8.09 0.86
C THR A 24 -5.01 -7.66 -0.16
N ILE A 25 -5.53 -6.41 -0.07
CA ILE A 25 -6.58 -6.00 -0.99
C ILE A 25 -6.06 -6.15 -2.40
N GLN A 26 -4.86 -5.62 -2.72
CA GLN A 26 -4.34 -5.79 -4.09
C GLN A 26 -4.18 -7.26 -4.33
N GLY A 27 -3.50 -8.01 -3.43
CA GLY A 27 -3.30 -9.44 -3.66
C GLY A 27 -4.58 -10.11 -4.10
N SER A 28 -5.71 -9.77 -3.45
CA SER A 28 -6.99 -10.36 -3.84
C SER A 28 -7.35 -9.91 -5.24
N ALA A 29 -7.35 -8.57 -5.50
CA ALA A 29 -7.76 -8.08 -6.82
C ALA A 29 -6.62 -8.18 -7.80
N ARG A 30 -5.57 -7.34 -7.69
CA ARG A 30 -4.49 -7.34 -8.67
C ARG A 30 -5.06 -7.18 -10.06
N PHE A 31 -5.82 -6.10 -10.28
CA PHE A 31 -6.29 -5.77 -11.63
C PHE A 31 -6.65 -4.30 -11.71
#